data_2PDQ
#
_entry.id   2PDQ
#
_cell.length_a   40.320
_cell.length_b   47.130
_cell.length_c   47.404
_cell.angle_alpha   76.07
_cell.angle_beta   67.22
_cell.angle_gamma   76.89
#
_symmetry.space_group_name_H-M   'P 1'
#
loop_
_entity.id
_entity.type
_entity.pdbx_description
1 polymer 'Aldose reductase'
2 non-polymer 'NADP NICOTINAMIDE-ADENINE-DINUCLEOTIDE PHOSPHATE'
3 non-polymer '{3-[(5-CHLORO-1,3-BENZOTHIAZOL-2-YL)METHYL]-2,4-DIOXO-3,4-DIHYDROPYRIMIDIN-1(2H)-YL}ACETIC ACID'
4 water water
#
_entity_poly.entity_id   1
_entity_poly.type   'polypeptide(L)'
_entity_poly.pdbx_seq_one_letter_code
;MASRILLNNGAKMPILGLGTWKSPPGQVTEAVKVAIDVGYRHIDCAHVYQNENEVGVAIQEKLREQVVKREELFIVSKLW
CTYHEKGLVKGACQKTLSDLKLDYLDLYLIHWPTGFKPGKEFFPLDESGNVVPSDTNILDTWAAMEELVDEGLVKAIGIS
NFNHLQVEMILNKPGLKYKPAVNQIECHPYLTQEKLIQYCQSKGIVVTAYSPLGSPDRPWAKPEDPSLLEDPRIKAIAAK
HNKTTAQVLIRFPMQRNLVVIPKSVTPERIAENFKVFDFELSSQDMTTLLSYNRNWRVCALLSDTSHKDYPFHEEF
;
_entity_poly.pdbx_strand_id   A
#
loop_
_chem_comp.id
_chem_comp.type
_chem_comp.name
_chem_comp.formula
47D non-polymer '{3-[(5-CHLORO-1,3-BENZOTHIAZOL-2-YL)METHYL]-2,4-DIOXO-3,4-DIHYDROPYRIMIDIN-1(2H)-YL}ACETIC ACID' 'C14 H10 Cl N3 O4 S'
NAP non-polymer 'NADP NICOTINAMIDE-ADENINE-DINUCLEOTIDE PHOSPHATE' 'C21 H28 N7 O17 P3'
#
# COMPACT_ATOMS: atom_id res chain seq x y z
N ALA A 2 8.97 14.45 11.14
CA ALA A 2 7.57 14.42 11.56
C ALA A 2 7.05 12.99 11.47
N SER A 3 5.93 12.71 12.13
CA SER A 3 5.36 11.37 12.12
C SER A 3 4.27 11.23 11.07
N ARG A 4 3.81 12.37 10.56
CA ARG A 4 2.80 12.39 9.52
C ARG A 4 3.18 13.31 8.37
N ILE A 5 2.70 12.97 7.18
CA ILE A 5 3.00 13.80 6.02
C ILE A 5 1.74 14.42 5.44
N LEU A 6 1.90 15.64 4.93
CA LEU A 6 0.77 16.41 4.45
C LEU A 6 0.31 15.99 3.05
N LEU A 7 -0.97 15.62 2.92
CA LEU A 7 -1.51 15.23 1.62
C LEU A 7 -2.12 16.45 0.91
N ASN A 8 -2.44 16.28 -0.38
CA ASN A 8 -2.91 17.43 -1.15
C ASN A 8 -4.38 17.74 -0.86
N ASN A 9 -5.00 16.94 0.00
CA ASN A 9 -6.36 17.28 0.43
C ASN A 9 -6.29 18.01 1.76
N GLY A 10 -5.09 18.33 2.25
CA GLY A 10 -4.96 19.03 3.52
C GLY A 10 -4.92 18.13 4.73
N ALA A 11 -5.03 16.82 4.55
CA ALA A 11 -4.98 15.89 5.68
C ALA A 11 -3.56 15.39 5.93
N LYS A 12 -3.26 14.90 7.13
CA LYS A 12 -1.95 14.37 7.48
C LYS A 12 -1.99 12.84 7.54
N MET A 13 -1.02 12.18 6.94
CA MET A 13 -1.02 10.72 6.86
C MET A 13 0.17 10.20 7.68
N PRO A 14 -0.04 9.26 8.60
CA PRO A 14 1.10 8.75 9.37
C PRO A 14 2.07 8.03 8.45
N ILE A 15 3.37 8.29 8.58
CA ILE A 15 4.36 7.68 7.70
C ILE A 15 4.59 6.21 8.00
N LEU A 16 4.09 5.74 9.12
CA LEU A 16 4.21 4.32 9.44
C LEU A 16 2.83 3.71 9.58
N GLY A 17 2.53 2.69 8.78
CA GLY A 17 1.25 2.02 8.93
C GLY A 17 1.44 0.52 8.98
N LEU A 18 0.39 -0.20 9.35
CA LEU A 18 0.31 -1.64 9.42
C LEU A 18 -0.32 -2.25 8.15
N GLY A 19 0.46 -3.08 7.51
CA GLY A 19 0.11 -3.91 6.37
C GLY A 19 -0.80 -5.07 6.78
N THR A 20 -1.72 -5.50 5.93
CA THR A 20 -2.64 -6.57 6.31
C THR A 20 -2.86 -7.62 5.23
N TRP A 21 -2.09 -7.59 4.15
CA TRP A 21 -2.10 -8.63 3.14
C TRP A 21 -1.48 -9.90 3.71
N LYS A 22 -2.25 -10.98 3.62
CA LYS A 22 -1.86 -12.31 4.08
C LYS A 22 -2.03 -12.44 5.60
N SER A 23 -2.60 -11.43 6.24
CA SER A 23 -2.95 -11.50 7.65
C SER A 23 -4.22 -12.32 7.79
N PRO A 24 -4.10 -13.56 8.28
CA PRO A 24 -5.29 -14.42 8.31
C PRO A 24 -6.37 -13.81 9.20
N PRO A 25 -7.60 -13.93 8.74
CA PRO A 25 -8.74 -13.44 9.52
C PRO A 25 -8.67 -13.93 10.95
N GLY A 26 -8.23 -15.19 11.09
CA GLY A 26 -8.20 -15.79 12.41
C GLY A 26 -7.24 -15.09 13.35
N GLN A 27 -6.37 -14.24 12.84
CA GLN A 27 -5.28 -13.61 13.58
C GLN A 27 -5.17 -12.12 13.37
N VAL A 28 -5.82 -11.52 12.38
CA VAL A 28 -5.53 -10.09 12.16
C VAL A 28 -6.27 -9.15 13.11
N THR A 29 -7.35 -9.61 13.75
CA THR A 29 -8.05 -8.76 14.71
C THR A 29 -7.11 -8.45 15.86
N GLU A 30 -6.46 -9.53 16.32
CA GLU A 30 -5.51 -9.34 17.44
C GLU A 30 -4.32 -8.51 16.98
N ALA A 31 -3.85 -8.73 15.76
CA ALA A 31 -2.78 -7.94 15.17
C ALA A 31 -3.03 -6.44 15.22
N VAL A 32 -4.24 -6.08 14.77
CA VAL A 32 -4.64 -4.69 14.72
C VAL A 32 -4.83 -4.10 16.11
N LYS A 33 -5.38 -4.91 17.02
CA LYS A 33 -5.55 -4.44 18.39
C LYS A 33 -4.19 -4.14 19.01
N VAL A 34 -3.23 -5.06 18.88
CA VAL A 34 -1.89 -4.82 19.41
C VAL A 34 -1.25 -3.63 18.74
N ALA A 35 -1.39 -3.53 17.40
CA ALA A 35 -0.80 -2.38 16.75
C ALA A 35 -1.31 -1.06 17.28
N ILE A 36 -2.63 -0.96 17.40
CA ILE A 36 -3.20 0.28 17.93
C ILE A 36 -2.71 0.55 19.35
N ASP A 37 -2.63 -0.48 20.19
CA ASP A 37 -2.14 -0.32 21.56
C ASP A 37 -0.69 0.18 21.64
N VAL A 38 0.18 -0.24 20.74
CA VAL A 38 1.55 0.27 20.81
C VAL A 38 1.74 1.55 19.99
N GLY A 39 0.69 2.06 19.35
CA GLY A 39 0.78 3.36 18.71
C GLY A 39 0.54 3.45 17.23
N TYR A 40 0.32 2.35 16.50
CA TYR A 40 0.03 2.57 15.09
C TYR A 40 -1.30 3.31 14.89
N ARG A 41 -1.31 4.21 13.93
CA ARG A 41 -2.57 4.91 13.64
C ARG A 41 -3.02 4.76 12.19
N HIS A 42 -2.18 4.19 11.33
CA HIS A 42 -2.53 3.94 9.92
C HIS A 42 -2.52 2.45 9.67
N ILE A 43 -3.61 1.96 9.07
CA ILE A 43 -3.81 0.58 8.66
C ILE A 43 -4.06 0.50 7.16
N ASP A 44 -3.29 -0.34 6.48
CA ASP A 44 -3.43 -0.53 5.04
C ASP A 44 -4.27 -1.78 4.80
N CYS A 45 -5.37 -1.58 4.11
CA CYS A 45 -6.34 -2.65 3.89
C CYS A 45 -6.64 -2.80 2.40
N ALA A 46 -7.42 -3.82 2.11
CA ALA A 46 -7.92 -4.08 0.78
C ALA A 46 -9.00 -5.15 0.81
N HIS A 47 -10.04 -4.90 0.01
CA HIS A 47 -11.10 -5.91 -0.11
C HIS A 47 -10.54 -7.25 -0.55
N VAL A 48 -9.58 -7.20 -1.48
CA VAL A 48 -9.03 -8.46 -2.00
C VAL A 48 -8.28 -9.23 -0.92
N TYR A 49 -7.93 -8.59 0.20
CA TYR A 49 -7.26 -9.33 1.27
C TYR A 49 -8.27 -10.18 2.04
N GLN A 50 -9.57 -10.06 1.87
CA GLN A 50 -10.56 -10.94 2.49
C GLN A 50 -10.52 -10.99 4.01
N ASN A 51 -10.10 -9.92 4.66
CA ASN A 51 -9.99 -9.83 6.11
C ASN A 51 -10.45 -8.47 6.64
N GLU A 52 -11.18 -7.69 5.83
CA GLU A 52 -11.54 -6.35 6.24
C GLU A 52 -12.54 -6.35 7.38
N ASN A 53 -13.39 -7.38 7.43
CA ASN A 53 -14.31 -7.52 8.56
C ASN A 53 -13.56 -7.59 9.89
N GLU A 54 -12.52 -8.41 9.91
CA GLU A 54 -11.72 -8.67 11.10
C GLU A 54 -10.88 -7.47 11.52
N VAL A 55 -10.34 -6.75 10.55
CA VAL A 55 -9.77 -5.44 10.82
C VAL A 55 -10.80 -4.53 11.49
N GLY A 56 -11.97 -4.44 10.89
CA GLY A 56 -13.10 -3.66 11.35
C GLY A 56 -13.43 -3.94 12.81
N VAL A 57 -13.40 -5.21 13.18
CA VAL A 57 -13.69 -5.65 14.54
C VAL A 57 -12.67 -5.10 15.52
N ALA A 58 -11.41 -5.15 15.13
CA ALA A 58 -10.31 -4.61 15.92
C ALA A 58 -10.50 -3.12 16.11
N ILE A 59 -10.78 -2.41 15.01
CA ILE A 59 -10.89 -0.97 15.11
C ILE A 59 -12.05 -0.55 16.00
N GLN A 60 -13.20 -1.16 15.83
CA GLN A 60 -14.39 -0.76 16.59
C GLN A 60 -14.20 -0.97 18.08
N GLU A 61 -13.52 -2.07 18.38
CA GLU A 61 -13.29 -2.43 19.77
C GLU A 61 -12.43 -1.40 20.46
N LYS A 62 -11.34 -1.02 19.78
CA LYS A 62 -10.45 -0.05 20.42
C LYS A 62 -11.04 1.33 20.50
N LEU A 63 -11.96 1.64 19.60
CA LEU A 63 -12.74 2.88 19.70
C LEU A 63 -13.58 2.85 20.97
N ARG A 64 -14.27 1.72 21.12
CA ARG A 64 -15.20 1.61 22.24
C ARG A 64 -14.50 1.51 23.59
N GLU A 65 -13.24 1.11 23.59
CA GLU A 65 -12.33 1.04 24.71
C GLU A 65 -11.71 2.42 24.99
N GLN A 66 -12.02 3.41 24.19
CA GLN A 66 -11.55 4.77 24.37
C GLN A 66 -10.03 4.88 24.24
N VAL A 67 -9.44 3.96 23.48
CA VAL A 67 -8.00 3.93 23.25
C VAL A 67 -7.58 4.94 22.19
N VAL A 68 -8.45 5.04 21.20
CA VAL A 68 -8.24 6.00 20.13
C VAL A 68 -9.58 6.60 19.72
N LYS A 69 -9.56 7.74 19.05
CA LYS A 69 -10.78 8.16 18.37
C LYS A 69 -10.54 8.09 16.85
N ARG A 70 -11.64 7.95 16.13
CA ARG A 70 -11.58 7.79 14.68
C ARG A 70 -10.75 8.84 13.98
N GLU A 71 -10.86 10.09 14.40
CA GLU A 71 -10.17 11.20 13.74
C GLU A 71 -8.66 11.06 13.82
N GLU A 72 -8.20 10.23 14.75
CA GLU A 72 -6.79 9.92 14.93
C GLU A 72 -6.37 8.73 14.06
N LEU A 73 -7.35 8.06 13.44
CA LEU A 73 -7.00 6.88 12.66
C LEU A 73 -6.86 7.30 11.19
N PHE A 74 -5.95 6.63 10.48
CA PHE A 74 -5.81 6.76 9.04
C PHE A 74 -5.93 5.39 8.34
N ILE A 75 -7.13 5.12 7.89
CA ILE A 75 -7.59 3.88 7.28
C ILE A 75 -7.66 4.00 5.75
N VAL A 76 -6.81 3.20 5.10
CA VAL A 76 -6.67 3.04 3.67
C VAL A 76 -7.24 1.73 3.17
N SER A 77 -8.04 1.81 2.09
CA SER A 77 -8.38 0.56 1.41
C SER A 77 -8.29 0.77 -0.09
N LYS A 78 -8.54 -0.29 -0.85
CA LYS A 78 -8.23 -0.32 -2.29
C LYS A 78 -9.33 -1.00 -3.09
N LEU A 79 -9.70 -0.39 -4.19
CA LEU A 79 -10.64 -0.88 -5.19
C LEU A 79 -10.01 -1.99 -6.03
N TRP A 80 -10.55 -3.20 -5.93
CA TRP A 80 -9.93 -4.33 -6.63
C TRP A 80 -10.22 -4.29 -8.14
N CYS A 81 -9.42 -4.95 -8.98
CA CYS A 81 -9.43 -4.94 -10.43
C CYS A 81 -10.73 -5.35 -11.08
N THR A 82 -11.50 -6.23 -10.45
CA THR A 82 -12.77 -6.67 -11.02
C THR A 82 -13.91 -5.67 -10.81
N TYR A 83 -13.65 -4.50 -10.24
CA TYR A 83 -14.69 -3.51 -10.01
C TYR A 83 -14.32 -2.17 -10.66
N HIS A 84 -13.59 -2.17 -11.76
CA HIS A 84 -13.19 -0.92 -12.37
C HIS A 84 -14.30 -0.22 -13.15
N GLU A 85 -15.34 -0.97 -13.50
CA GLU A 85 -16.45 -0.36 -14.21
C GLU A 85 -17.08 0.76 -13.39
N LYS A 86 -17.40 1.86 -14.05
CA LYS A 86 -17.95 3.02 -13.34
C LYS A 86 -19.11 2.67 -12.43
N GLY A 87 -20.03 1.81 -12.86
CA GLY A 87 -21.19 1.44 -12.06
C GLY A 87 -20.93 0.49 -10.91
N LEU A 88 -19.71 0.02 -10.75
CA LEU A 88 -19.33 -0.97 -9.74
C LEU A 88 -18.50 -0.33 -8.63
N VAL A 89 -18.04 0.90 -8.85
CA VAL A 89 -17.05 1.45 -7.93
C VAL A 89 -17.65 1.79 -6.56
N LYS A 90 -18.76 2.50 -6.50
CA LYS A 90 -19.37 2.92 -5.25
C LYS A 90 -19.73 1.73 -4.39
N GLY A 91 -20.38 0.74 -5.00
CA GLY A 91 -20.73 -0.48 -4.29
C GLY A 91 -19.52 -1.16 -3.68
N ALA A 92 -18.42 -1.17 -4.41
CA ALA A 92 -17.18 -1.78 -3.94
C ALA A 92 -16.65 -1.02 -2.73
N CYS A 93 -16.80 0.30 -2.78
CA CYS A 93 -16.32 1.13 -1.67
C CYS A 93 -17.20 0.96 -0.46
N GLN A 94 -18.50 0.94 -0.70
CA GLN A 94 -19.44 0.76 0.40
C GLN A 94 -19.36 -0.62 1.02
N LYS A 95 -18.93 -1.65 0.28
CA LYS A 95 -18.74 -2.97 0.88
C LYS A 95 -17.56 -2.91 1.84
N THR A 96 -16.47 -2.28 1.42
CA THR A 96 -15.32 -2.06 2.27
C THR A 96 -15.66 -1.24 3.51
N LEU A 97 -16.40 -0.15 3.38
CA LEU A 97 -16.80 0.64 4.54
C LEU A 97 -17.64 -0.18 5.51
N SER A 98 -18.46 -1.05 4.93
CA SER A 98 -19.37 -1.83 5.78
C SER A 98 -18.60 -2.91 6.54
N ASP A 99 -17.69 -3.61 5.85
CA ASP A 99 -16.81 -4.61 6.45
C ASP A 99 -15.97 -3.98 7.58
N LEU A 100 -15.36 -2.85 7.28
CA LEU A 100 -14.54 -2.14 8.25
C LEU A 100 -15.36 -1.42 9.32
N LYS A 101 -16.66 -1.37 9.15
CA LYS A 101 -17.58 -0.69 10.07
C LYS A 101 -17.27 0.79 10.22
N LEU A 102 -16.93 1.44 9.13
CA LEU A 102 -16.56 2.85 9.08
C LEU A 102 -17.52 3.68 8.22
N ASP A 103 -17.61 4.99 8.48
CA ASP A 103 -18.49 5.81 7.64
C ASP A 103 -17.69 6.60 6.61
N TYR A 104 -16.38 6.47 6.65
CA TYR A 104 -15.50 7.02 5.64
C TYR A 104 -14.14 6.36 5.65
N LEU A 105 -13.47 6.49 4.51
CA LEU A 105 -12.08 6.08 4.41
C LEU A 105 -11.16 7.30 4.30
N ASP A 106 -10.01 7.24 4.97
CA ASP A 106 -9.10 8.39 4.86
C ASP A 106 -8.49 8.45 3.46
N LEU A 107 -8.18 7.28 2.91
CA LEU A 107 -7.60 7.15 1.59
C LEU A 107 -8.12 5.92 0.85
N TYR A 108 -8.43 6.08 -0.43
CA TYR A 108 -8.96 4.98 -1.23
C TYR A 108 -8.20 4.95 -2.55
N LEU A 109 -7.71 3.75 -2.83
CA LEU A 109 -6.82 3.66 -3.98
C LEU A 109 -7.28 2.76 -5.09
N ILE A 110 -6.97 3.10 -6.33
CA ILE A 110 -7.13 2.09 -7.38
C ILE A 110 -6.00 1.10 -7.19
N HIS A 111 -6.35 -0.15 -6.86
CA HIS A 111 -5.35 -1.11 -6.40
C HIS A 111 -4.28 -1.43 -7.43
N TRP A 112 -4.71 -1.66 -8.65
CA TRP A 112 -3.89 -1.89 -9.82
C TRP A 112 -4.53 -1.17 -11.02
N PRO A 113 -3.75 -0.73 -12.00
CA PRO A 113 -4.28 0.03 -13.13
C PRO A 113 -5.13 -0.81 -14.09
N THR A 114 -5.00 -2.11 -13.99
CA THR A 114 -5.62 -3.10 -14.82
C THR A 114 -7.03 -3.48 -14.38
N GLY A 115 -8.01 -3.36 -15.25
CA GLY A 115 -9.32 -3.92 -14.95
C GLY A 115 -9.43 -5.37 -15.40
N PHE A 116 -10.02 -6.20 -14.56
CA PHE A 116 -10.36 -7.59 -14.75
C PHE A 116 -11.88 -7.77 -14.93
N LYS A 117 -12.24 -8.74 -15.77
CA LYS A 117 -13.60 -9.17 -16.00
C LYS A 117 -14.40 -9.24 -14.69
N PRO A 118 -15.49 -8.49 -14.66
CA PRO A 118 -16.30 -8.42 -13.45
C PRO A 118 -16.98 -9.76 -13.15
N GLY A 119 -17.06 -10.07 -11.87
CA GLY A 119 -17.60 -11.27 -11.31
C GLY A 119 -17.02 -11.63 -9.96
N LYS A 120 -17.39 -12.81 -9.50
CA LYS A 120 -17.08 -13.20 -8.12
C LYS A 120 -15.60 -13.46 -7.92
N GLU A 121 -14.97 -13.98 -8.98
CA GLU A 121 -13.56 -14.36 -8.84
C GLU A 121 -12.67 -13.13 -8.96
N PHE A 122 -11.72 -13.00 -8.03
CA PHE A 122 -10.79 -11.91 -7.95
C PHE A 122 -9.75 -11.94 -9.06
N PHE A 123 -9.32 -13.13 -9.44
CA PHE A 123 -8.41 -13.34 -10.56
C PHE A 123 -9.02 -14.30 -11.60
N PRO A 124 -9.93 -13.76 -12.39
CA PRO A 124 -10.65 -14.60 -13.36
C PRO A 124 -9.74 -15.02 -14.51
N LEU A 125 -9.74 -16.31 -14.80
CA LEU A 125 -8.81 -16.88 -15.77
C LEU A 125 -9.55 -17.51 -16.93
N ASP A 126 -8.97 -17.42 -18.14
CA ASP A 126 -9.53 -18.23 -19.22
C ASP A 126 -9.01 -19.65 -19.04
N GLU A 127 -9.27 -20.51 -20.01
CA GLU A 127 -8.94 -21.93 -19.97
C GLU A 127 -7.46 -22.20 -20.15
N SER A 128 -6.70 -21.20 -20.56
CA SER A 128 -5.26 -21.31 -20.76
C SER A 128 -4.45 -20.54 -19.73
N GLY A 129 -5.10 -20.12 -18.67
CA GLY A 129 -4.47 -19.50 -17.51
C GLY A 129 -4.21 -18.02 -17.64
N ASN A 130 -4.67 -17.40 -18.73
CA ASN A 130 -4.57 -15.96 -18.88
C ASN A 130 -5.65 -15.26 -18.06
N VAL A 131 -5.25 -14.18 -17.38
CA VAL A 131 -6.32 -13.42 -16.71
C VAL A 131 -7.14 -12.69 -17.75
N VAL A 132 -8.45 -12.73 -17.58
CA VAL A 132 -9.39 -12.07 -18.46
C VAL A 132 -9.62 -10.59 -18.08
N PRO A 133 -9.19 -9.66 -18.93
CA PRO A 133 -9.37 -8.25 -18.65
C PRO A 133 -10.83 -7.80 -18.74
N SER A 134 -11.09 -6.59 -18.28
CA SER A 134 -12.33 -5.88 -18.55
C SER A 134 -12.00 -4.73 -19.54
N ASP A 135 -13.06 -4.28 -20.19
CA ASP A 135 -12.91 -3.18 -21.13
C ASP A 135 -13.13 -1.86 -20.42
N THR A 136 -12.33 -1.68 -19.36
CA THR A 136 -12.35 -0.41 -18.63
C THR A 136 -10.99 0.28 -18.81
N ASN A 137 -11.02 1.61 -18.67
CA ASN A 137 -9.81 2.40 -18.78
C ASN A 137 -9.60 3.22 -17.51
N ILE A 138 -8.41 3.73 -17.33
CA ILE A 138 -7.94 4.37 -16.11
C ILE A 138 -8.71 5.63 -15.81
N LEU A 139 -8.88 6.45 -16.84
CA LEU A 139 -9.56 7.72 -16.63
C LEU A 139 -11.00 7.57 -16.19
N ASP A 140 -11.76 6.63 -16.74
CA ASP A 140 -13.15 6.48 -16.32
C ASP A 140 -13.16 5.97 -14.88
N THR A 141 -12.25 5.04 -14.58
CA THR A 141 -12.20 4.55 -13.21
C THR A 141 -11.88 5.73 -12.28
N TRP A 142 -10.96 6.59 -12.72
CA TRP A 142 -10.64 7.72 -11.84
C TRP A 142 -11.86 8.57 -11.58
N ALA A 143 -12.63 8.84 -12.63
CA ALA A 143 -13.81 9.70 -12.44
C ALA A 143 -14.78 9.08 -11.44
N ALA A 144 -14.80 7.77 -11.40
CA ALA A 144 -15.69 7.11 -10.44
C ALA A 144 -15.12 7.28 -9.03
N MET A 145 -13.79 7.31 -8.92
CA MET A 145 -13.12 7.51 -7.62
C MET A 145 -13.42 8.93 -7.12
N GLU A 146 -13.40 9.90 -8.03
CA GLU A 146 -13.68 11.29 -7.70
C GLU A 146 -15.05 11.43 -7.07
N GLU A 147 -16.02 10.69 -7.62
CA GLU A 147 -17.38 10.77 -7.09
C GLU A 147 -17.42 10.39 -5.61
N LEU A 148 -16.64 9.40 -5.22
CA LEU A 148 -16.64 8.96 -3.82
C LEU A 148 -16.19 10.10 -2.91
N VAL A 149 -15.26 10.91 -3.39
CA VAL A 149 -14.88 12.05 -2.57
C VAL A 149 -16.05 13.01 -2.45
N ASP A 150 -16.63 13.33 -3.63
CA ASP A 150 -17.72 14.29 -3.70
C ASP A 150 -18.91 13.87 -2.84
N GLU A 151 -19.01 12.57 -2.60
CA GLU A 151 -20.11 11.98 -1.83
C GLU A 151 -19.75 11.75 -0.38
N GLY A 152 -18.54 12.08 0.05
CA GLY A 152 -18.14 11.96 1.43
C GLY A 152 -17.83 10.58 1.93
N LEU A 153 -17.72 9.62 1.01
CA LEU A 153 -17.39 8.25 1.39
C LEU A 153 -15.89 8.12 1.64
N VAL A 154 -15.05 8.96 1.05
CA VAL A 154 -13.61 8.95 1.17
C VAL A 154 -13.04 10.36 1.21
N LYS A 155 -11.98 10.59 1.98
CA LYS A 155 -11.46 11.94 2.20
C LYS A 155 -10.47 12.30 1.10
N ALA A 156 -9.85 11.25 0.56
CA ALA A 156 -8.75 11.30 -0.39
C ALA A 156 -8.72 10.06 -1.27
N ILE A 157 -8.30 10.23 -2.52
CA ILE A 157 -8.14 9.11 -3.43
C ILE A 157 -6.73 9.10 -4.01
N GLY A 158 -6.32 7.91 -4.41
CA GLY A 158 -5.04 7.76 -5.07
C GLY A 158 -5.05 6.51 -5.95
N ILE A 159 -3.85 6.09 -6.28
CA ILE A 159 -3.52 4.99 -7.16
C ILE A 159 -2.44 4.13 -6.53
N SER A 160 -2.25 2.97 -7.09
CA SER A 160 -1.26 2.00 -6.64
C SER A 160 -0.74 1.23 -7.84
N ASN A 161 0.56 0.98 -7.90
CA ASN A 161 1.16 0.20 -8.97
C ASN A 161 0.99 0.87 -10.32
N PHE A 162 0.93 2.20 -10.35
CA PHE A 162 0.85 2.95 -11.59
C PHE A 162 2.26 3.39 -11.98
N ASN A 163 2.61 3.18 -13.23
CA ASN A 163 3.87 3.69 -13.75
C ASN A 163 3.73 5.18 -14.05
N HIS A 164 4.84 5.86 -14.33
CA HIS A 164 4.74 7.32 -14.41
C HIS A 164 3.92 7.77 -15.60
N LEU A 165 3.82 6.96 -16.66
CA LEU A 165 2.94 7.32 -17.77
C LEU A 165 1.47 7.21 -17.38
N GLN A 166 1.14 6.20 -16.57
CA GLN A 166 -0.26 6.07 -16.15
C GLN A 166 -0.62 7.17 -15.16
N VAL A 167 0.32 7.60 -14.33
CA VAL A 167 0.09 8.72 -13.42
C VAL A 167 -0.16 9.99 -14.24
N GLU A 168 0.70 10.21 -15.24
CA GLU A 168 0.55 11.39 -16.10
C GLU A 168 -0.82 11.45 -16.76
N MET A 169 -1.35 10.31 -17.16
CA MET A 169 -2.64 10.22 -17.83
C MET A 169 -3.73 10.84 -16.98
N ILE A 170 -3.63 10.57 -15.67
CA ILE A 170 -4.63 11.13 -14.76
C ILE A 170 -4.37 12.62 -14.56
N LEU A 171 -3.12 12.97 -14.29
CA LEU A 171 -2.73 14.36 -14.13
C LEU A 171 -3.21 15.25 -15.27
N ASN A 172 -3.21 14.73 -16.49
CA ASN A 172 -3.49 15.52 -17.69
C ASN A 172 -4.93 15.36 -18.11
N LYS A 173 -5.67 14.57 -17.33
CA LYS A 173 -7.06 14.31 -17.66
C LYS A 173 -7.91 15.57 -17.77
N PRO A 174 -8.64 15.69 -18.87
CA PRO A 174 -9.35 16.94 -19.11
C PRO A 174 -10.53 17.01 -18.15
N GLY A 175 -10.58 18.08 -17.35
CA GLY A 175 -11.67 18.18 -16.40
C GLY A 175 -11.46 17.43 -15.11
N LEU A 176 -10.23 17.02 -14.83
CA LEU A 176 -9.78 16.48 -13.57
C LEU A 176 -10.32 17.22 -12.35
N LYS A 177 -10.95 16.52 -11.42
CA LYS A 177 -11.49 17.17 -10.22
C LYS A 177 -10.56 17.02 -9.02
N TYR A 178 -10.03 15.83 -8.78
CA TYR A 178 -9.06 15.63 -7.69
C TYR A 178 -7.76 15.06 -8.22
N LYS A 179 -6.59 15.62 -7.87
CA LYS A 179 -5.35 14.95 -8.26
C LYS A 179 -5.14 13.75 -7.33
N PRO A 180 -4.51 12.67 -7.78
CA PRO A 180 -4.13 11.59 -6.85
C PRO A 180 -3.25 12.06 -5.70
N ALA A 181 -3.61 11.64 -4.49
CA ALA A 181 -2.88 12.05 -3.29
C ALA A 181 -1.63 11.23 -3.06
N VAL A 182 -1.71 9.98 -3.47
CA VAL A 182 -0.74 8.94 -3.14
C VAL A 182 -0.60 7.98 -4.30
N ASN A 183 0.61 7.49 -4.49
CA ASN A 183 0.88 6.34 -5.34
C ASN A 183 1.57 5.31 -4.44
N GLN A 184 0.95 4.18 -4.21
CA GLN A 184 1.47 3.11 -3.37
C GLN A 184 2.18 2.09 -4.28
N ILE A 185 3.49 2.02 -4.14
CA ILE A 185 4.32 1.12 -4.94
C ILE A 185 5.25 0.24 -4.12
N GLU A 186 5.69 -0.86 -4.74
CA GLU A 186 6.66 -1.74 -4.12
C GLU A 186 7.97 -0.97 -3.96
N CYS A 187 8.57 -1.04 -2.78
CA CYS A 187 9.81 -0.25 -2.66
C CYS A 187 10.63 -0.78 -1.51
N HIS A 188 11.90 -1.08 -1.77
CA HIS A 188 12.83 -1.67 -0.80
C HIS A 188 14.23 -1.66 -1.39
N PRO A 189 15.31 -2.01 -0.70
CA PRO A 189 16.68 -1.92 -1.25
C PRO A 189 16.99 -2.64 -2.55
N TYR A 190 16.30 -3.67 -2.96
CA TYR A 190 16.42 -4.37 -4.24
C TYR A 190 15.55 -3.76 -5.34
N LEU A 191 14.62 -2.89 -4.99
CA LEU A 191 13.77 -2.18 -5.96
C LEU A 191 13.56 -0.76 -5.45
N THR A 192 14.53 0.12 -5.67
CA THR A 192 14.56 1.39 -4.98
C THR A 192 13.71 2.48 -5.64
N GLN A 193 13.24 2.25 -6.85
CA GLN A 193 12.29 3.13 -7.51
C GLN A 193 12.75 4.58 -7.59
N GLU A 194 14.03 4.87 -7.77
CA GLU A 194 14.45 6.27 -7.82
C GLU A 194 13.70 7.17 -8.80
N LYS A 195 13.46 6.73 -10.03
CA LYS A 195 12.82 7.55 -11.05
C LYS A 195 11.34 7.78 -10.79
N LEU A 196 10.67 6.72 -10.34
CA LEU A 196 9.23 6.87 -10.10
C LEU A 196 9.03 7.72 -8.86
N ILE A 197 9.89 7.49 -7.86
CA ILE A 197 9.73 8.38 -6.70
C ILE A 197 10.02 9.82 -7.08
N GLN A 198 11.08 10.04 -7.85
CA GLN A 198 11.43 11.38 -8.30
C GLN A 198 10.25 12.05 -9.00
N TYR A 199 9.64 11.28 -9.90
CA TYR A 199 8.50 11.74 -10.67
C TYR A 199 7.38 12.12 -9.71
N CYS A 200 6.96 11.13 -8.93
CA CYS A 200 5.82 11.33 -8.05
C CYS A 200 6.05 12.52 -7.13
N GLN A 201 7.26 12.62 -6.57
CA GLN A 201 7.38 13.68 -5.56
C GLN A 201 7.36 15.05 -6.21
N SER A 202 7.84 15.10 -7.45
CA SER A 202 7.97 16.37 -8.17
C SER A 202 6.61 16.86 -8.61
N LYS A 203 5.59 16.03 -8.43
CA LYS A 203 4.21 16.25 -8.78
C LYS A 203 3.32 16.39 -7.54
N GLY A 204 3.94 16.42 -6.38
CA GLY A 204 3.20 16.62 -5.16
C GLY A 204 2.35 15.39 -4.84
N ILE A 205 2.89 14.25 -5.25
CA ILE A 205 2.18 13.01 -4.97
C ILE A 205 2.99 12.17 -3.99
N VAL A 206 2.43 11.86 -2.84
CA VAL A 206 3.07 11.06 -1.81
C VAL A 206 3.16 9.60 -2.23
N VAL A 207 4.33 9.05 -1.93
CA VAL A 207 4.65 7.69 -2.30
C VAL A 207 4.62 6.85 -1.02
N THR A 208 3.86 5.76 -1.13
CA THR A 208 3.85 4.77 -0.05
C THR A 208 4.64 3.53 -0.47
N ALA A 209 5.55 3.07 0.37
CA ALA A 209 6.34 1.88 0.09
C ALA A 209 5.76 0.58 0.66
N TYR A 210 5.41 -0.34 -0.22
CA TYR A 210 4.88 -1.65 0.17
C TYR A 210 5.98 -2.70 0.06
N SER A 211 5.69 -3.83 0.69
CA SER A 211 6.61 -4.94 0.88
C SER A 211 8.01 -4.43 1.24
N PRO A 212 8.14 -3.59 2.28
CA PRO A 212 9.44 -3.00 2.60
C PRO A 212 10.45 -4.00 3.12
N LEU A 213 9.97 -5.16 3.54
CA LEU A 213 10.80 -6.25 4.02
C LEU A 213 10.95 -7.35 2.97
N GLY A 214 10.49 -7.17 1.74
CA GLY A 214 10.65 -8.20 0.74
C GLY A 214 9.57 -9.26 0.71
N SER A 215 8.49 -9.08 1.45
CA SER A 215 7.31 -9.96 1.43
C SER A 215 7.71 -11.43 1.48
N PRO A 216 8.53 -11.85 2.43
CA PRO A 216 8.98 -13.24 2.46
C PRO A 216 7.84 -14.24 2.51
N ASP A 217 6.64 -13.83 2.92
CA ASP A 217 5.49 -14.73 2.98
C ASP A 217 4.67 -14.71 1.69
N ARG A 218 5.09 -13.99 0.67
CA ARG A 218 4.38 -13.99 -0.61
C ARG A 218 4.20 -15.42 -1.12
N PRO A 219 2.98 -15.79 -1.53
CA PRO A 219 2.73 -17.19 -1.88
C PRO A 219 3.57 -17.76 -3.00
N TRP A 220 4.17 -17.00 -3.91
CA TRP A 220 4.97 -17.55 -5.00
C TRP A 220 6.46 -17.48 -4.73
N ALA A 221 6.91 -17.23 -3.50
CA ALA A 221 8.34 -17.17 -3.26
C ALA A 221 9.09 -18.45 -3.62
N LYS A 222 10.29 -18.28 -4.16
CA LYS A 222 11.21 -19.37 -4.49
C LYS A 222 12.42 -19.39 -3.56
N PRO A 223 12.91 -20.57 -3.19
CA PRO A 223 13.97 -20.65 -2.18
C PRO A 223 15.20 -19.83 -2.57
N GLU A 224 15.42 -19.74 -3.87
CA GLU A 224 16.61 -19.10 -4.41
C GLU A 224 16.44 -17.61 -4.55
N ASP A 225 15.24 -17.12 -4.25
CA ASP A 225 14.99 -15.69 -4.34
C ASP A 225 15.81 -14.93 -3.31
N PRO A 226 16.30 -13.75 -3.66
CA PRO A 226 16.95 -12.89 -2.65
C PRO A 226 16.01 -12.59 -1.49
N SER A 227 16.58 -12.56 -0.28
CA SER A 227 15.83 -12.23 0.92
C SER A 227 16.43 -11.01 1.60
N LEU A 228 15.70 -9.91 1.70
CA LEU A 228 16.21 -8.73 2.36
C LEU A 228 16.49 -8.96 3.83
N LEU A 229 15.58 -9.69 4.47
CA LEU A 229 15.68 -9.85 5.91
C LEU A 229 16.88 -10.71 6.27
N GLU A 230 17.34 -11.53 5.31
CA GLU A 230 18.48 -12.39 5.63
C GLU A 230 19.78 -11.85 5.04
N ASP A 231 19.74 -10.72 4.35
CA ASP A 231 20.90 -10.12 3.70
C ASP A 231 21.94 -9.75 4.74
N PRO A 232 23.14 -10.33 4.65
CA PRO A 232 24.18 -10.06 5.65
C PRO A 232 24.65 -8.61 5.66
N ARG A 233 24.65 -7.95 4.50
CA ARG A 233 25.06 -6.56 4.38
C ARG A 233 24.15 -5.63 5.19
N ILE A 234 22.85 -5.89 5.17
CA ILE A 234 21.87 -5.11 5.90
C ILE A 234 21.95 -5.44 7.39
N LYS A 235 22.15 -6.73 7.67
CA LYS A 235 22.30 -7.15 9.06
C LYS A 235 23.41 -6.35 9.76
N ALA A 236 24.51 -6.15 9.06
CA ALA A 236 25.66 -5.41 9.55
C ALA A 236 25.34 -3.93 9.76
N ILE A 237 24.51 -3.37 8.87
CA ILE A 237 24.13 -1.97 9.13
C ILE A 237 23.27 -1.89 10.36
N ALA A 238 22.37 -2.87 10.53
CA ALA A 238 21.51 -2.90 11.71
C ALA A 238 22.27 -3.05 13.02
N ALA A 239 23.21 -3.99 13.07
CA ALA A 239 24.02 -4.23 14.26
C ALA A 239 24.76 -2.97 14.70
N LYS A 240 25.31 -2.23 13.74
CA LYS A 240 25.93 -0.94 14.01
C LYS A 240 24.97 0.00 14.73
N HIS A 241 23.67 -0.06 14.41
CA HIS A 241 22.71 0.84 15.06
C HIS A 241 22.02 0.18 16.24
N ASN A 242 22.43 -1.02 16.57
CA ASN A 242 21.76 -1.85 17.55
C ASN A 242 20.25 -1.89 17.32
N LYS A 243 19.90 -2.18 16.07
CA LYS A 243 18.52 -2.33 15.66
C LYS A 243 18.39 -3.63 14.88
N THR A 244 17.16 -4.08 14.62
CA THR A 244 17.05 -5.29 13.78
C THR A 244 17.06 -4.93 12.30
N THR A 245 17.27 -5.97 11.49
CA THR A 245 17.24 -5.80 10.05
C THR A 245 15.94 -5.16 9.60
N ALA A 246 14.81 -5.63 10.14
CA ALA A 246 13.54 -5.05 9.71
C ALA A 246 13.47 -3.58 10.04
N GLN A 247 14.04 -3.19 11.18
CA GLN A 247 13.85 -1.84 11.70
C GLN A 247 14.52 -0.87 10.73
N VAL A 248 15.66 -1.34 10.28
CA VAL A 248 16.42 -0.62 9.30
C VAL A 248 15.65 -0.53 7.98
N LEU A 249 15.05 -1.67 7.61
CA LEU A 249 14.36 -1.72 6.32
C LEU A 249 13.16 -0.80 6.33
N ILE A 250 12.61 -0.57 7.52
CA ILE A 250 11.48 0.33 7.72
C ILE A 250 11.96 1.77 7.80
N ARG A 251 13.07 2.01 8.50
CA ARG A 251 13.60 3.37 8.65
C ARG A 251 14.10 3.92 7.33
N PHE A 252 14.49 3.02 6.43
CA PHE A 252 15.01 3.42 5.13
C PHE A 252 14.01 4.23 4.32
N PRO A 253 12.78 3.80 4.03
CA PRO A 253 11.86 4.62 3.25
C PRO A 253 11.43 5.89 3.98
N MET A 254 11.47 5.83 5.30
CA MET A 254 11.03 6.98 6.11
C MET A 254 11.98 8.14 5.81
N GLN A 255 13.26 7.80 5.66
CA GLN A 255 14.28 8.83 5.43
C GLN A 255 14.30 9.26 3.97
N ARG A 256 13.41 8.75 3.13
CA ARG A 256 13.29 9.17 1.74
C ARG A 256 11.98 9.90 1.51
N ASN A 257 11.37 10.32 2.62
CA ASN A 257 10.12 11.06 2.65
C ASN A 257 8.98 10.24 2.05
N LEU A 258 9.04 8.94 2.30
CA LEU A 258 7.99 8.00 1.92
C LEU A 258 7.17 7.53 3.11
N VAL A 259 5.98 7.05 2.82
CA VAL A 259 5.18 6.35 3.83
C VAL A 259 5.53 4.87 3.76
N VAL A 260 5.50 4.14 4.87
CA VAL A 260 5.89 2.72 4.75
C VAL A 260 4.91 1.84 5.53
N ILE A 261 4.61 0.66 5.01
CA ILE A 261 3.53 -0.14 5.65
C ILE A 261 3.87 -1.62 5.86
N PRO A 262 4.82 -1.89 6.74
CA PRO A 262 5.25 -3.27 7.00
C PRO A 262 4.12 -4.09 7.61
N LYS A 263 4.04 -5.35 7.19
CA LYS A 263 2.98 -6.22 7.67
C LYS A 263 3.47 -7.19 8.73
N SER A 264 2.71 -7.37 9.80
CA SER A 264 2.96 -8.51 10.68
C SER A 264 1.68 -8.89 11.42
N VAL A 265 1.53 -10.15 11.79
CA VAL A 265 0.51 -10.62 12.71
C VAL A 265 1.15 -11.11 14.02
N THR A 266 2.46 -11.02 14.16
CA THR A 266 3.18 -11.46 15.35
C THR A 266 3.37 -10.29 16.31
N PRO A 267 2.65 -10.28 17.43
CA PRO A 267 2.68 -9.17 18.39
C PRO A 267 4.07 -8.62 18.67
N GLU A 268 5.07 -9.47 18.92
CA GLU A 268 6.41 -8.92 19.15
C GLU A 268 6.97 -8.20 17.94
N ARG A 269 6.72 -8.68 16.72
CA ARG A 269 7.26 -7.96 15.58
C ARG A 269 6.42 -6.70 15.31
N ILE A 270 5.13 -6.73 15.61
CA ILE A 270 4.33 -5.52 15.46
C ILE A 270 4.91 -4.39 16.29
N ALA A 271 5.29 -4.67 17.53
CA ALA A 271 5.92 -3.66 18.37
C ALA A 271 7.34 -3.34 17.93
N GLU A 272 8.12 -4.35 17.55
CA GLU A 272 9.46 -4.10 17.07
C GLU A 272 9.45 -3.11 15.89
N ASN A 273 8.63 -3.41 14.89
CA ASN A 273 8.56 -2.60 13.68
C ASN A 273 8.16 -1.16 13.94
N PHE A 274 7.53 -0.88 15.08
CA PHE A 274 7.15 0.49 15.39
C PHE A 274 8.28 1.32 15.98
N LYS A 275 9.28 0.66 16.54
CA LYS A 275 10.34 1.33 17.26
C LYS A 275 11.44 1.81 16.31
N VAL A 276 11.04 2.72 15.42
CA VAL A 276 11.93 3.18 14.37
C VAL A 276 12.05 4.69 14.36
N PHE A 277 11.52 5.32 15.40
CA PHE A 277 11.57 6.76 15.55
C PHE A 277 12.67 7.20 16.52
N ASP A 278 13.49 6.26 16.99
CA ASP A 278 14.51 6.57 17.99
C ASP A 278 15.92 6.39 17.44
N PHE A 279 16.06 6.45 16.12
CA PHE A 279 17.37 6.38 15.47
C PHE A 279 17.31 6.94 14.07
N GLU A 280 18.51 7.20 13.54
CA GLU A 280 18.67 7.68 12.18
C GLU A 280 19.73 6.89 11.44
N LEU A 281 19.40 6.50 10.20
CA LEU A 281 20.37 5.89 9.30
C LEU A 281 21.28 6.99 8.75
N SER A 282 22.58 6.74 8.70
CA SER A 282 23.50 7.79 8.26
C SER A 282 23.45 8.02 6.76
N SER A 283 24.12 9.08 6.33
CA SER A 283 24.18 9.35 4.89
C SER A 283 24.77 8.14 4.16
N GLN A 284 25.85 7.58 4.70
CA GLN A 284 26.46 6.40 4.09
C GLN A 284 25.53 5.19 4.00
N ASP A 285 24.89 4.88 5.12
CA ASP A 285 23.88 3.86 5.28
C ASP A 285 22.86 3.94 4.14
N MET A 286 22.31 5.14 3.97
CA MET A 286 21.32 5.41 2.94
C MET A 286 21.89 5.10 1.56
N THR A 287 23.06 5.68 1.31
CA THR A 287 23.74 5.48 0.05
C THR A 287 23.95 3.99 -0.18
N THR A 288 24.31 3.28 0.88
CA THR A 288 24.65 1.86 0.79
C THR A 288 23.39 1.05 0.48
N LEU A 289 22.33 1.35 1.21
CA LEU A 289 21.07 0.64 0.94
C LEU A 289 20.56 0.89 -0.46
N LEU A 290 20.68 2.12 -1.00
CA LEU A 290 20.22 2.38 -2.36
C LEU A 290 21.08 1.66 -3.40
N SER A 291 22.35 1.39 -3.05
CA SER A 291 23.20 0.75 -4.07
C SER A 291 22.84 -0.71 -4.22
N TYR A 292 21.99 -1.25 -3.32
CA TYR A 292 21.65 -2.67 -3.45
C TYR A 292 20.57 -2.91 -4.50
N ASN A 293 20.05 -1.86 -5.12
CA ASN A 293 19.00 -1.96 -6.12
C ASN A 293 19.36 -2.91 -7.26
N ARG A 294 18.43 -3.83 -7.52
CA ARG A 294 18.59 -4.78 -8.62
C ARG A 294 17.35 -4.79 -9.51
N ASN A 295 16.50 -3.80 -9.31
CA ASN A 295 15.24 -3.63 -9.98
C ASN A 295 14.48 -4.95 -9.94
N TRP A 296 14.48 -5.54 -8.75
CA TRP A 296 13.87 -6.84 -8.51
C TRP A 296 12.55 -6.70 -7.77
N ARG A 297 11.45 -7.07 -8.44
CA ARG A 297 10.18 -6.90 -7.74
C ARG A 297 9.59 -8.26 -7.39
N VAL A 298 8.83 -8.27 -6.30
CA VAL A 298 8.19 -9.49 -5.83
C VAL A 298 6.73 -9.56 -6.25
N CYS A 299 6.07 -8.39 -6.37
CA CYS A 299 4.67 -8.36 -6.77
C CYS A 299 4.50 -7.98 -8.23
N ALA A 300 4.21 -9.01 -9.03
CA ALA A 300 3.83 -8.96 -10.43
C ALA A 300 2.90 -10.14 -10.68
N LEU A 301 2.27 -10.15 -11.82
CA LEU A 301 1.32 -11.18 -12.25
C LEU A 301 1.62 -11.48 -13.72
N LEU A 302 2.40 -12.53 -13.97
CA LEU A 302 2.87 -12.86 -15.30
C LEU A 302 1.70 -13.27 -16.20
N SER A 303 0.69 -13.88 -15.58
CA SER A 303 -0.51 -14.26 -16.31
C SER A 303 -1.32 -13.05 -16.76
N ASP A 304 -0.92 -11.83 -16.40
CA ASP A 304 -1.59 -10.61 -16.84
C ASP A 304 -0.67 -9.68 -17.63
N THR A 305 0.49 -10.16 -18.08
CA THR A 305 1.43 -9.24 -18.71
C THR A 305 0.91 -8.67 -20.01
N SER A 306 -0.07 -9.31 -20.64
CA SER A 306 -0.51 -8.79 -21.94
C SER A 306 -1.55 -7.68 -21.83
N HIS A 307 -2.06 -7.40 -20.62
CA HIS A 307 -3.05 -6.36 -20.40
C HIS A 307 -2.57 -5.03 -20.98
N LYS A 308 -3.43 -4.29 -21.67
CA LYS A 308 -2.99 -3.03 -22.26
C LYS A 308 -2.42 -2.04 -21.25
N ASP A 309 -2.76 -2.22 -19.99
CA ASP A 309 -2.51 -1.36 -18.86
C ASP A 309 -1.59 -2.03 -17.86
N TYR A 310 -0.95 -3.13 -18.27
CA TYR A 310 0.02 -3.74 -17.36
C TYR A 310 1.16 -2.75 -17.09
N PRO A 311 1.48 -2.47 -15.82
CA PRO A 311 2.34 -1.33 -15.53
C PRO A 311 3.84 -1.52 -15.66
N PHE A 312 4.36 -2.74 -15.68
CA PHE A 312 5.79 -2.90 -15.46
C PHE A 312 6.58 -3.15 -16.73
N HIS A 313 5.96 -2.92 -17.89
CA HIS A 313 6.73 -2.92 -19.13
C HIS A 313 7.52 -1.64 -19.29
N GLU A 314 7.01 -0.53 -18.77
CA GLU A 314 7.74 0.73 -18.94
C GLU A 314 8.96 0.75 -18.04
N GLU A 315 9.87 1.69 -18.32
CA GLU A 315 11.03 1.74 -17.43
C GLU A 315 10.61 2.06 -16.00
N PHE A 316 9.73 3.03 -15.84
CA PHE A 316 9.24 3.45 -14.53
C PHE A 316 7.89 4.14 -14.66
PA NAP B . 6.36 -7.13 4.18
O1A NAP B . 7.52 -6.79 3.33
O2A NAP B . 5.76 -6.13 5.05
O5B NAP B . 6.73 -8.50 4.95
C5B NAP B . 5.76 -9.21 5.66
C4B NAP B . 6.45 -10.56 6.07
O4B NAP B . 7.55 -10.22 6.99
C3B NAP B . 5.48 -11.44 6.92
O3B NAP B . 5.77 -12.81 6.64
C2B NAP B . 5.93 -11.06 8.36
O2B NAP B . 5.74 -12.16 9.26
C1B NAP B . 7.40 -10.74 8.25
N9A NAP B . 7.86 -9.90 9.30
C8A NAP B . 7.26 -8.74 9.77
N7A NAP B . 7.98 -8.09 10.67
C5A NAP B . 9.11 -8.89 10.80
C6A NAP B . 10.19 -8.62 11.65
N6A NAP B . 10.31 -7.58 12.47
N1A NAP B . 11.22 -9.57 11.60
C2A NAP B . 11.13 -10.66 10.75
N3A NAP B . 10.06 -10.90 9.93
C4A NAP B . 9.03 -9.97 9.97
O3 NAP B . 5.28 -7.74 3.13
PN NAP B . 3.90 -7.33 2.45
O1N NAP B . 2.78 -7.80 3.34
O2N NAP B . 3.87 -7.79 1.03
O5D NAP B . 3.91 -5.74 2.35
C5D NAP B . 3.45 -4.93 3.49
C4D NAP B . 2.02 -4.48 3.18
O4D NAP B . 2.00 -3.67 1.96
C3D NAP B . 0.95 -5.56 2.85
O3D NAP B . 0.46 -6.31 3.93
C2D NAP B . -0.12 -4.71 2.13
O2D NAP B . -0.84 -4.01 3.15
C1D NAP B . 0.71 -3.77 1.31
N1N NAP B . 0.99 -4.21 -0.13
C2N NAP B . 0.27 -3.51 -1.11
C3N NAP B . 0.29 -4.02 -2.40
C7N NAP B . -0.47 -3.29 -3.51
O7N NAP B . -0.57 -3.82 -4.60
N7N NAP B . -0.82 -2.04 -3.26
C4N NAP B . 1.01 -5.23 -2.70
C5N NAP B . 1.71 -5.91 -1.67
C6N NAP B . 1.73 -5.41 -0.35
P2B NAP B . 4.45 -12.31 10.29
O1X NAP B . 5.09 -11.80 11.61
O2X NAP B . 3.37 -11.44 9.77
O3X NAP B . 4.18 -13.81 10.29
C1 47D C . -0.47 -7.85 -10.15
N 47D C . 0.41 -8.46 -9.33
C2 47D C . -0.09 -9.04 -8.31
C3 47D C . 0.70 -9.81 -7.30
N2 47D C . -0.08 -10.10 -6.11
C4 47D C . -0.21 -9.13 -5.16
O1 47D C . 0.56 -8.17 -5.20
N3 47D C . -1.12 -9.23 -4.22
C5 47D C . -1.16 -8.26 -3.13
C6 47D C . -2.01 -7.07 -3.51
O2 47D C . -2.01 -6.05 -2.67
O3 47D C . -2.67 -7.07 -4.55
C7 47D C . -1.94 -10.24 -4.15
C8 47D C . -1.90 -11.24 -5.05
C9 47D C . -0.90 -11.20 -6.10
O4 47D C . -0.84 -12.08 -6.95
S 47D C . -1.89 -8.93 -8.20
C10 47D C . -1.78 -8.01 -9.69
C12 47D C . -2.89 -7.49 -10.35
C13 47D C . -2.67 -6.78 -11.53
C14 47D C . -1.33 -6.64 -11.97
CL 47D C . -1.04 -5.74 -13.45
C15 47D C . -0.24 -7.27 -11.39
#